data_5RC2
#
_entry.id   5RC2
#
_cell.length_a   45.230
_cell.length_b   73.009
_cell.length_c   52.512
_cell.angle_alpha   90.000
_cell.angle_beta   108.950
_cell.angle_gamma   90.000
#
_symmetry.space_group_name_H-M   'P 1 21 1'
#
loop_
_entity.id
_entity.type
_entity.pdbx_description
1 polymer Endothiapepsin
2 non-polymer N-ethyl-N-(thiophene-2-carbonyl)-beta-alanine
3 non-polymer 'DIMETHYL SULFOXIDE'
4 non-polymer GLYCEROL
5 non-polymer 'TETRAETHYLENE GLYCOL'
6 non-polymer 'SODIUM ION'
7 water water
#
_entity_poly.entity_id   1
_entity_poly.type   'polypeptide(L)'
_entity_poly.pdbx_seq_one_letter_code
;MSSPLKNALVTAMLAGGALSSPTKQHVGIPVNASPEVGPGKYSFKQVRNPNYKFNGPLSVKKTYLKYGVPIPAWLEDAVQ
NSTSGLAERSTGSATTTPIDSLDDAYITPVQIGTPAQTLNLDFDTGSSDLWVFSSETTASEVDGQTIYTPSKSTTAKLLS
GATWSISYGDGSSSSGDVYTDTVSVGGLTVTGQAVESAKKVSSSFTEDSTIDGLLGLAFSTLNTVSPTQQKTFFDNAKAS
LDSPVFTADLGYHAPGTYNFGFIDTTAYTGSITYTAVSTKQGFWEWTSTGYAVGSGTFKSTSIDGIADTGTTLLYLPATV
VSAYWAQVSGAKSSSSVGGYVFPCSATLPSFTFGVGSARIVIPGDYIDFGPISTGSSSCFGGIQSSAGIGINIFGDVALK
AAFVVFNGATTPTLGFASK
;
_entity_poly.pdbx_strand_id   A
#
loop_
_chem_comp.id
_chem_comp.type
_chem_comp.name
_chem_comp.formula
DMS non-polymer 'DIMETHYL SULFOXIDE' 'C2 H6 O S'
GOL non-polymer GLYCEROL 'C3 H8 O3'
NA non-polymer 'SODIUM ION' 'Na 1'
PG4 non-polymer 'TETRAETHYLENE GLYCOL' 'C8 H18 O5'
R8Y non-polymer N-ethyl-N-(thiophene-2-carbonyl)-beta-alanine 'C10 H13 N O3 S'
#
# COMPACT_ATOMS: atom_id res chain seq x y z
N SER A 90 -3.53 15.16 -21.80
CA SER A 90 -3.43 15.84 -20.47
C SER A 90 -2.58 14.98 -19.52
N THR A 91 -2.10 15.63 -18.48
CA THR A 91 -1.35 14.94 -17.41
C THR A 91 -1.74 15.57 -16.09
N GLY A 92 -1.42 14.90 -14.98
CA GLY A 92 -1.50 15.48 -13.64
C GLY A 92 -0.32 15.03 -12.84
N SER A 93 0.04 15.79 -11.83
CA SER A 93 1.18 15.45 -10.94
C SER A 93 0.91 16.01 -9.55
N ALA A 94 0.80 15.17 -8.54
CA ALA A 94 0.48 15.62 -7.19
C ALA A 94 1.47 15.01 -6.21
N THR A 95 1.81 15.77 -5.21
CA THR A 95 2.66 15.28 -4.12
C THR A 95 1.86 14.50 -3.11
N THR A 96 2.37 13.37 -2.65
CA THR A 96 1.74 12.51 -1.62
C THR A 96 2.61 12.55 -0.38
N THR A 97 2.02 12.70 0.80
CA THR A 97 2.77 13.00 2.05
C THR A 97 2.38 11.96 3.08
N PRO A 98 3.35 11.34 3.80
N PRO A 98 3.34 11.37 3.78
N PRO A 98 3.35 11.34 3.80
N PRO A 98 3.34 11.37 3.78
CA PRO A 98 3.02 10.45 4.89
CA PRO A 98 2.99 10.45 4.86
CA PRO A 98 3.02 10.45 4.88
CA PRO A 98 2.99 10.45 4.86
C PRO A 98 2.16 11.15 5.96
C PRO A 98 2.17 11.16 5.93
C PRO A 98 2.17 11.15 5.96
C PRO A 98 2.17 11.16 5.93
N ILE A 99 1.21 10.42 6.52
CA ILE A 99 0.31 11.00 7.54
C ILE A 99 1.02 11.05 8.90
N ASP A 100 2.09 10.31 9.11
CA ASP A 100 2.74 10.25 10.43
C ASP A 100 4.16 9.78 10.24
N SER A 101 4.89 9.63 11.35
CA SER A 101 6.33 9.33 11.32
C SER A 101 6.62 7.88 10.94
N LEU A 102 5.61 7.06 10.82
CA LEU A 102 5.78 5.63 10.48
C LEU A 102 5.42 5.36 9.02
N ASP A 103 4.96 6.35 8.25
CA ASP A 103 4.44 6.12 6.88
C ASP A 103 3.26 5.16 6.96
N ASP A 104 2.35 5.34 7.89
CA ASP A 104 1.20 4.44 8.00
C ASP A 104 0.29 4.54 6.77
N ALA A 105 0.25 5.70 6.16
CA ALA A 105 -0.52 5.96 4.93
C ALA A 105 0.00 7.25 4.38
N TYR A 106 -0.44 7.58 3.17
CA TYR A 106 -0.05 8.77 2.45
C TYR A 106 -1.31 9.52 2.00
N ILE A 107 -1.27 10.82 2.11
CA ILE A 107 -2.40 11.67 1.67
C ILE A 107 -1.99 12.57 0.54
N THR A 108 -2.91 12.80 -0.37
CA THR A 108 -2.69 13.57 -1.58
C THR A 108 -3.83 14.57 -1.69
N PRO A 109 -3.57 15.88 -1.92
CA PRO A 109 -4.67 16.85 -1.99
C PRO A 109 -5.42 16.62 -3.30
N VAL A 110 -6.74 16.76 -3.19
CA VAL A 110 -7.68 16.56 -4.30
C VAL A 110 -8.71 17.69 -4.28
N GLN A 111 -8.89 18.36 -5.42
CA GLN A 111 -9.88 19.45 -5.53
C GLN A 111 -11.22 18.87 -5.98
N ILE A 112 -12.26 19.15 -5.23
CA ILE A 112 -13.62 18.66 -5.57
C ILE A 112 -14.54 19.86 -5.65
N GLY A 113 -15.30 19.97 -6.71
CA GLY A 113 -16.37 20.97 -6.74
C GLY A 113 -15.93 22.31 -7.26
N THR A 114 -16.90 23.22 -7.29
CA THR A 114 -16.72 24.59 -7.80
C THR A 114 -17.45 25.57 -6.90
N PRO A 115 -16.78 26.51 -6.22
CA PRO A 115 -15.32 26.63 -6.18
C PRO A 115 -14.72 25.37 -5.53
N ALA A 116 -13.42 25.19 -5.72
CA ALA A 116 -12.73 23.99 -5.26
C ALA A 116 -12.84 23.84 -3.76
N GLN A 117 -13.10 22.61 -3.33
CA GLN A 117 -12.95 22.17 -1.94
C GLN A 117 -11.76 21.19 -1.93
N THR A 118 -10.70 21.45 -1.22
CA THR A 118 -9.51 20.59 -1.23
C THR A 118 -9.62 19.66 -0.06
N LEU A 119 -9.62 18.37 -0.34
CA LEU A 119 -9.62 17.30 0.68
C LEU A 119 -8.35 16.49 0.48
N ASN A 120 -7.83 15.94 1.54
CA ASN A 120 -6.63 15.12 1.52
C ASN A 120 -7.03 13.65 1.53
N LEU A 121 -6.85 12.98 0.41
CA LEU A 121 -7.37 11.61 0.21
C LEU A 121 -6.23 10.62 0.21
N ASP A 122 -6.55 9.42 0.64
CA ASP A 122 -5.64 8.26 0.60
C ASP A 122 -5.82 7.56 -0.73
N PHE A 123 -4.85 7.64 -1.61
CA PHE A 123 -4.94 6.99 -2.94
C PHE A 123 -4.70 5.51 -2.76
N ASP A 124 -5.63 4.68 -3.21
CA ASP A 124 -5.65 3.26 -2.84
C ASP A 124 -5.77 2.42 -4.11
N THR A 125 -4.66 1.84 -4.56
CA THR A 125 -4.68 0.95 -5.72
C THR A 125 -5.34 -0.38 -5.41
N GLY A 126 -5.76 -0.64 -4.19
CA GLY A 126 -6.51 -1.85 -3.83
C GLY A 126 -7.99 -1.67 -3.69
N SER A 127 -8.57 -0.55 -4.08
CA SER A 127 -10.03 -0.37 -4.05
C SER A 127 -10.41 0.60 -5.14
N SER A 128 -11.71 0.76 -5.33
CA SER A 128 -12.23 1.42 -6.56
C SER A 128 -13.33 2.42 -6.26
N ASP A 129 -13.40 2.93 -5.05
CA ASP A 129 -14.40 3.96 -4.66
C ASP A 129 -13.67 5.25 -4.31
N LEU A 130 -14.17 6.38 -4.76
CA LEU A 130 -13.70 7.70 -4.34
C LEU A 130 -14.76 8.16 -3.37
N TRP A 131 -14.48 8.10 -2.08
CA TRP A 131 -15.44 8.50 -1.06
C TRP A 131 -14.82 9.51 -0.13
N VAL A 132 -15.64 10.38 0.41
CA VAL A 132 -15.19 11.50 1.25
C VAL A 132 -16.05 11.64 2.48
N PHE A 133 -15.46 12.11 3.53
CA PHE A 133 -16.18 12.76 4.64
C PHE A 133 -16.92 13.93 4.03
N SER A 134 -18.12 14.16 4.57
CA SER A 134 -19.00 15.16 3.97
C SER A 134 -19.88 15.82 5.03
N SER A 135 -20.64 16.79 4.53
CA SER A 135 -21.74 17.46 5.31
C SER A 135 -22.81 16.45 5.67
N GLU A 136 -22.83 15.28 5.09
CA GLU A 136 -23.84 14.23 5.38
C GLU A 136 -23.31 13.26 6.43
N THR A 137 -22.02 13.29 6.75
CA THR A 137 -21.47 12.27 7.65
C THR A 137 -22.03 12.51 9.08
N THR A 138 -22.50 11.43 9.70
CA THR A 138 -22.99 11.46 11.11
C THR A 138 -22.03 12.29 11.95
N ALA A 139 -22.50 13.32 12.66
CA ALA A 139 -21.61 14.33 13.27
C ALA A 139 -20.66 13.68 14.28
N SER A 140 -21.14 12.69 15.04
CA SER A 140 -20.31 12.02 16.06
C SER A 140 -19.18 11.17 15.44
N GLU A 141 -19.22 10.94 14.11
CA GLU A 141 -18.21 10.14 13.40
C GLU A 141 -17.19 11.05 12.72
N VAL A 142 -17.29 12.34 12.87
CA VAL A 142 -16.32 13.29 12.28
C VAL A 142 -15.52 13.85 13.45
N ASP A 143 -14.20 13.77 13.38
CA ASP A 143 -13.26 14.31 14.40
C ASP A 143 -12.03 14.91 13.72
N GLY A 144 -12.17 16.09 13.18
CA GLY A 144 -11.06 16.88 12.63
C GLY A 144 -10.92 16.77 11.12
N GLN A 145 -11.64 15.84 10.45
CA GLN A 145 -11.49 15.74 8.98
C GLN A 145 -12.04 16.98 8.32
N THR A 146 -11.52 17.32 7.15
CA THR A 146 -12.11 18.30 6.23
C THR A 146 -13.26 17.59 5.51
N ILE A 147 -14.39 18.24 5.40
CA ILE A 147 -15.57 17.62 4.74
C ILE A 147 -15.86 18.28 3.41
N TYR A 148 -16.41 17.48 2.51
CA TYR A 148 -17.01 17.94 1.25
C TYR A 148 -18.48 18.34 1.51
N THR A 149 -18.83 19.53 1.08
CA THR A 149 -20.22 20.03 1.22
C THR A 149 -20.78 20.22 -0.19
N PRO A 150 -21.54 19.24 -0.72
CA PRO A 150 -22.03 19.36 -2.08
C PRO A 150 -22.93 20.58 -2.32
N SER A 151 -23.63 21.02 -1.28
CA SER A 151 -24.57 22.16 -1.43
C SER A 151 -23.81 23.45 -1.72
N LYS A 152 -22.50 23.48 -1.48
CA LYS A 152 -21.67 24.66 -1.73
C LYS A 152 -20.95 24.56 -3.07
N SER A 153 -21.16 23.49 -3.83
CA SER A 153 -20.55 23.32 -5.15
C SER A 153 -21.58 23.55 -6.25
N THR A 154 -21.28 24.44 -7.17
CA THR A 154 -22.23 24.79 -8.24
C THR A 154 -22.26 23.69 -9.26
N THR A 155 -21.31 22.75 -9.25
CA THR A 155 -21.21 21.67 -10.24
C THR A 155 -21.67 20.32 -9.63
N ALA A 156 -22.00 20.26 -8.35
CA ALA A 156 -22.44 18.99 -7.73
C ALA A 156 -23.87 18.66 -8.16
N LYS A 157 -24.14 17.38 -8.39
N LYS A 157 -24.10 17.40 -8.47
N LYS A 157 -24.12 17.38 -8.40
N LYS A 157 -24.10 17.40 -8.47
CA LYS A 157 -25.47 16.88 -8.79
CA LYS A 157 -25.47 16.90 -8.73
CA LYS A 157 -25.46 16.87 -8.80
CA LYS A 157 -25.47 16.90 -8.73
C LYS A 157 -25.70 15.54 -8.09
C LYS A 157 -25.64 15.58 -7.96
C LYS A 157 -25.69 15.54 -8.09
C LYS A 157 -25.64 15.58 -7.97
N LEU A 158 -26.77 15.42 -7.29
CA LEU A 158 -27.10 14.13 -6.65
C LEU A 158 -27.18 13.09 -7.75
N LEU A 159 -26.57 11.93 -7.57
CA LEU A 159 -26.74 10.78 -8.48
C LEU A 159 -27.92 10.03 -7.86
N SER A 160 -29.12 10.33 -8.38
N SER A 160 -29.11 10.31 -8.38
N SER A 160 -29.12 10.33 -8.37
N SER A 160 -29.11 10.31 -8.38
CA SER A 160 -30.38 9.96 -7.69
CA SER A 160 -30.40 9.92 -7.77
CA SER A 160 -30.37 9.96 -7.67
CA SER A 160 -30.40 9.93 -7.76
C SER A 160 -30.51 8.44 -7.57
C SER A 160 -30.52 8.41 -7.58
C SER A 160 -30.52 8.44 -7.57
C SER A 160 -30.52 8.41 -7.58
N GLY A 161 -30.73 7.97 -6.34
CA GLY A 161 -30.97 6.55 -6.06
C GLY A 161 -29.73 5.77 -5.79
N ALA A 162 -28.56 6.35 -6.02
CA ALA A 162 -27.29 5.57 -5.91
C ALA A 162 -26.82 5.55 -4.46
N THR A 163 -26.41 4.38 -4.02
CA THR A 163 -25.82 4.23 -2.68
C THR A 163 -24.52 3.44 -2.84
N TRP A 164 -23.77 3.42 -1.75
CA TRP A 164 -22.50 2.66 -1.73
C TRP A 164 -22.25 2.17 -0.31
N SER A 165 -21.47 1.13 -0.26
CA SER A 165 -21.07 0.54 1.03
C SER A 165 -19.85 -0.32 0.77
N ILE A 166 -18.80 -0.08 1.59
CA ILE A 166 -17.52 -0.79 1.37
C ILE A 166 -16.98 -1.26 2.72
N SER A 167 -16.31 -2.40 2.64
CA SER A 167 -15.60 -3.03 3.78
C SER A 167 -14.20 -3.30 3.32
N TYR A 168 -13.21 -2.88 4.05
CA TYR A 168 -11.79 -3.07 3.67
C TYR A 168 -11.21 -4.29 4.39
N GLY A 169 -10.06 -4.75 3.90
CA GLY A 169 -9.31 -5.88 4.49
C GLY A 169 -8.97 -5.71 5.96
N ASP A 170 -8.85 -4.48 6.48
CA ASP A 170 -8.52 -4.22 7.91
C ASP A 170 -9.78 -4.24 8.78
N GLY A 171 -10.98 -4.49 8.25
CA GLY A 171 -12.22 -4.48 9.03
C GLY A 171 -12.93 -3.13 9.06
N SER A 172 -12.35 -2.08 8.47
CA SER A 172 -12.98 -0.75 8.44
C SER A 172 -14.05 -0.73 7.34
N SER A 173 -14.90 0.26 7.44
CA SER A 173 -16.06 0.35 6.50
C SER A 173 -16.59 1.76 6.47
N SER A 174 -17.36 2.02 5.40
CA SER A 174 -18.04 3.30 5.22
C SER A 174 -19.19 3.07 4.20
N SER A 175 -20.13 4.00 4.23
CA SER A 175 -21.29 3.91 3.31
C SER A 175 -21.93 5.27 3.18
N GLY A 176 -22.75 5.40 2.14
CA GLY A 176 -23.47 6.63 1.94
C GLY A 176 -24.18 6.72 0.61
N ASP A 177 -24.31 7.95 0.16
CA ASP A 177 -24.95 8.28 -1.13
C ASP A 177 -23.95 8.90 -2.09
N VAL A 178 -24.36 9.38 -3.25
CA VAL A 178 -23.39 9.67 -4.33
C VAL A 178 -23.78 10.96 -4.99
N TYR A 179 -22.80 11.79 -5.30
CA TYR A 179 -22.89 12.99 -6.12
C TYR A 179 -22.01 12.82 -7.32
N THR A 180 -22.27 13.51 -8.39
CA THR A 180 -21.27 13.72 -9.43
C THR A 180 -20.76 15.14 -9.28
N ASP A 181 -19.46 15.32 -9.55
CA ASP A 181 -18.88 16.68 -9.44
C ASP A 181 -17.57 16.66 -10.22
N THR A 182 -16.98 17.83 -10.34
CA THR A 182 -15.67 17.98 -10.98
C THR A 182 -14.59 17.65 -9.96
N VAL A 183 -13.64 16.82 -10.33
CA VAL A 183 -12.55 16.40 -9.43
C VAL A 183 -11.24 16.63 -10.16
N SER A 184 -10.31 17.27 -9.48
CA SER A 184 -8.98 17.54 -10.08
C SER A 184 -7.90 17.01 -9.16
N VAL A 185 -6.91 16.38 -9.74
CA VAL A 185 -5.72 15.87 -9.04
C VAL A 185 -4.51 16.41 -9.73
N GLY A 186 -3.74 17.25 -9.07
CA GLY A 186 -2.45 17.65 -9.64
C GLY A 186 -2.61 18.36 -10.97
N GLY A 187 -3.71 19.07 -11.18
CA GLY A 187 -3.93 19.77 -12.45
C GLY A 187 -4.71 18.98 -13.49
N LEU A 188 -4.99 17.71 -13.29
CA LEU A 188 -5.78 16.87 -14.20
C LEU A 188 -7.23 16.87 -13.73
N THR A 189 -8.16 17.28 -14.58
CA THR A 189 -9.57 17.46 -14.19
C THR A 189 -10.42 16.42 -14.86
N VAL A 190 -11.34 15.82 -14.10
CA VAL A 190 -12.43 14.97 -14.60
C VAL A 190 -13.75 15.64 -14.24
N THR A 191 -14.58 15.80 -15.23
CA THR A 191 -15.97 16.21 -14.97
C THR A 191 -16.88 14.99 -14.83
N GLY A 192 -17.90 15.12 -14.02
CA GLY A 192 -18.86 14.03 -13.87
C GLY A 192 -18.32 12.86 -13.05
N GLN A 193 -17.31 13.06 -12.23
CA GLN A 193 -16.78 11.99 -11.37
C GLN A 193 -17.78 11.66 -10.28
N ALA A 194 -17.99 10.39 -10.03
CA ALA A 194 -18.78 9.94 -8.87
C ALA A 194 -17.97 10.21 -7.60
N VAL A 195 -18.52 11.02 -6.75
CA VAL A 195 -17.98 11.38 -5.42
C VAL A 195 -18.92 10.77 -4.42
N GLU A 196 -18.48 9.75 -3.72
CA GLU A 196 -19.31 8.96 -2.79
C GLU A 196 -19.26 9.68 -1.45
N SER A 197 -20.35 10.21 -1.00
CA SER A 197 -20.46 11.00 0.23
C SER A 197 -20.77 10.11 1.39
N ALA A 198 -19.93 10.05 2.43
CA ALA A 198 -20.17 9.15 3.55
C ALA A 198 -21.29 9.68 4.44
N LYS A 199 -22.21 8.79 4.73
CA LYS A 199 -23.15 9.03 5.84
C LYS A 199 -22.63 8.37 7.11
N LYS A 200 -21.94 7.26 6.98
CA LYS A 200 -21.41 6.48 8.12
C LYS A 200 -19.99 6.08 7.80
N VAL A 201 -19.12 6.16 8.81
CA VAL A 201 -17.75 5.62 8.72
C VAL A 201 -17.48 4.83 9.98
N SER A 202 -16.60 3.88 9.89
CA SER A 202 -16.23 3.07 11.09
C SER A 202 -15.21 3.84 11.90
N SER A 203 -14.99 3.36 13.13
CA SER A 203 -14.17 4.05 14.13
C SER A 203 -12.75 4.34 13.63
N SER A 204 -12.13 3.44 12.86
CA SER A 204 -10.75 3.68 12.42
C SER A 204 -10.68 4.93 11.53
N PHE A 205 -11.71 5.22 10.72
CA PHE A 205 -11.74 6.46 9.92
C PHE A 205 -11.90 7.65 10.81
N THR A 206 -12.88 7.63 11.72
CA THR A 206 -13.14 8.76 12.61
C THR A 206 -11.84 9.17 13.34
N GLU A 207 -11.13 8.16 13.81
CA GLU A 207 -9.94 8.34 14.69
C GLU A 207 -8.75 8.84 13.89
N ASP A 208 -8.76 8.76 12.57
CA ASP A 208 -7.67 9.29 11.73
C ASP A 208 -8.05 10.67 11.18
N SER A 209 -7.74 11.75 11.86
CA SER A 209 -8.13 13.12 11.49
C SER A 209 -7.46 13.57 10.20
N THR A 210 -6.39 12.89 9.79
CA THR A 210 -5.55 13.32 8.65
C THR A 210 -6.09 12.82 7.33
N ILE A 211 -6.99 11.86 7.30
CA ILE A 211 -7.49 11.25 6.04
C ILE A 211 -8.94 11.67 5.85
N ASP A 212 -9.21 12.41 4.78
CA ASP A 212 -10.55 12.97 4.52
C ASP A 212 -11.34 12.05 3.60
N GLY A 213 -10.78 10.95 3.18
CA GLY A 213 -11.45 9.96 2.32
C GLY A 213 -10.45 9.21 1.51
N LEU A 214 -10.94 8.38 0.61
CA LEU A 214 -10.13 7.48 -0.24
C LEU A 214 -10.37 7.80 -1.70
N LEU A 215 -9.36 7.61 -2.50
CA LEU A 215 -9.49 7.68 -3.95
C LEU A 215 -9.02 6.37 -4.51
N GLY A 216 -9.93 5.53 -4.96
CA GLY A 216 -9.61 4.17 -5.40
C GLY A 216 -9.06 4.15 -6.81
N LEU A 217 -8.01 3.33 -7.02
CA LEU A 217 -7.30 3.23 -8.29
C LEU A 217 -7.16 1.78 -8.74
N ALA A 218 -7.91 0.87 -8.14
CA ALA A 218 -8.06 -0.49 -8.69
C ALA A 218 -9.06 -0.44 -9.86
N PHE A 219 -9.42 -1.61 -10.39
CA PHE A 219 -10.27 -1.63 -11.60
C PHE A 219 -11.70 -1.31 -11.19
N SER A 220 -12.42 -0.69 -12.13
CA SER A 220 -13.77 -0.19 -11.81
C SER A 220 -14.77 -1.31 -11.53
N THR A 221 -14.46 -2.54 -11.91
CA THR A 221 -15.28 -3.73 -11.57
C THR A 221 -15.45 -3.90 -10.08
N LEU A 222 -14.56 -3.33 -9.22
CA LEU A 222 -14.74 -3.37 -7.76
C LEU A 222 -15.55 -2.23 -7.17
N ASN A 223 -15.95 -1.25 -7.96
CA ASN A 223 -16.67 -0.10 -7.39
C ASN A 223 -18.00 -0.54 -6.76
N THR A 224 -18.33 -0.03 -5.61
CA THR A 224 -19.49 -0.56 -4.84
C THR A 224 -20.78 0.22 -5.11
N VAL A 225 -20.80 1.21 -5.97
CA VAL A 225 -22.06 1.99 -6.15
C VAL A 225 -23.12 1.08 -6.79
N SER A 226 -24.31 1.18 -6.23
CA SER A 226 -25.50 0.42 -6.67
C SER A 226 -26.63 1.43 -6.85
N PRO A 227 -27.54 1.23 -7.84
CA PRO A 227 -27.56 0.12 -8.77
C PRO A 227 -26.72 0.24 -10.02
N THR A 228 -26.08 1.37 -10.20
CA THR A 228 -25.27 1.67 -11.39
C THR A 228 -23.81 1.79 -10.93
N GLN A 229 -22.97 0.82 -11.22
CA GLN A 229 -21.55 0.87 -10.82
C GLN A 229 -20.91 2.07 -11.51
N GLN A 230 -19.97 2.71 -10.78
CA GLN A 230 -19.29 3.92 -11.26
C GLN A 230 -17.83 3.64 -11.58
N LYS A 231 -17.27 4.53 -12.38
CA LYS A 231 -15.84 4.47 -12.78
C LYS A 231 -14.93 5.18 -11.80
N THR A 232 -13.71 4.66 -11.70
CA THR A 232 -12.65 5.36 -10.95
C THR A 232 -12.25 6.67 -11.63
N PHE A 233 -11.59 7.53 -10.87
CA PHE A 233 -10.99 8.76 -11.42
C PHE A 233 -10.06 8.41 -12.57
N PHE A 234 -9.24 7.38 -12.45
CA PHE A 234 -8.30 6.99 -13.53
C PHE A 234 -9.05 6.50 -14.75
N ASP A 235 -10.06 5.69 -14.56
CA ASP A 235 -10.83 5.17 -15.71
C ASP A 235 -11.51 6.36 -16.40
N ASN A 236 -12.06 7.32 -15.71
CA ASN A 236 -12.68 8.51 -16.33
C ASN A 236 -11.63 9.38 -16.99
N ALA A 237 -10.41 9.50 -16.47
CA ALA A 237 -9.38 10.37 -17.06
C ALA A 237 -8.69 9.75 -18.26
N LYS A 238 -8.69 8.43 -18.40
N LYS A 238 -8.72 8.42 -18.37
N LYS A 238 -8.69 8.43 -18.40
N LYS A 238 -8.72 8.43 -18.36
CA LYS A 238 -7.61 7.73 -19.18
CA LYS A 238 -7.80 7.62 -19.21
CA LYS A 238 -7.61 7.73 -19.18
CA LYS A 238 -7.80 7.62 -19.21
C LYS A 238 -7.72 7.99 -20.70
C LYS A 238 -7.73 8.15 -20.64
C LYS A 238 -7.72 7.99 -20.70
C LYS A 238 -7.73 8.15 -20.64
N ALA A 239 -8.90 8.33 -21.26
CA ALA A 239 -8.98 8.66 -22.69
C ALA A 239 -8.33 10.03 -22.92
N SER A 240 -8.37 10.95 -21.96
CA SER A 240 -7.78 12.31 -22.06
C SER A 240 -6.29 12.31 -21.78
N LEU A 241 -5.73 11.26 -21.19
CA LEU A 241 -4.32 11.29 -20.78
C LEU A 241 -3.38 11.13 -21.96
N ASP A 242 -2.19 11.67 -21.87
CA ASP A 242 -1.19 11.50 -22.95
C ASP A 242 -0.85 10.02 -23.15
N SER A 243 -0.80 9.25 -22.06
N SER A 243 -0.70 9.28 -22.04
N SER A 243 -0.80 9.25 -22.06
N SER A 243 -0.70 9.28 -22.04
CA SER A 243 -0.53 7.81 -22.02
CA SER A 243 -0.54 7.81 -22.01
CA SER A 243 -0.52 7.81 -22.02
CA SER A 243 -0.54 7.81 -22.01
C SER A 243 -1.42 7.24 -20.93
C SER A 243 -1.44 7.26 -20.91
C SER A 243 -1.42 7.24 -20.93
C SER A 243 -1.45 7.26 -20.91
N PRO A 244 -2.04 6.05 -21.10
CA PRO A 244 -3.00 5.53 -20.15
C PRO A 244 -2.39 4.86 -18.91
N VAL A 245 -1.70 5.68 -18.13
CA VAL A 245 -0.83 5.19 -17.04
C VAL A 245 -0.96 6.14 -15.86
N PHE A 246 -0.68 5.62 -14.68
CA PHE A 246 -0.32 6.47 -13.54
C PHE A 246 0.87 5.81 -12.87
N THR A 247 1.60 6.60 -12.09
CA THR A 247 2.80 6.11 -11.41
C THR A 247 2.73 6.50 -9.96
N ALA A 248 3.23 5.60 -9.14
CA ALA A 248 3.36 5.80 -7.68
C ALA A 248 4.81 5.83 -7.34
N ASP A 249 5.24 6.90 -6.68
CA ASP A 249 6.61 7.10 -6.25
C ASP A 249 6.59 7.50 -4.80
N LEU A 250 6.37 6.53 -3.91
CA LEU A 250 6.17 6.82 -2.48
C LEU A 250 7.49 7.02 -1.82
N GLY A 251 7.54 7.94 -0.87
CA GLY A 251 8.76 8.23 -0.10
C GLY A 251 8.89 7.40 1.17
N TYR A 252 10.11 7.16 1.59
CA TYR A 252 10.40 6.61 2.92
C TYR A 252 10.60 7.78 3.87
N HIS A 253 9.66 7.95 4.77
CA HIS A 253 9.68 9.05 5.75
C HIS A 253 9.85 10.37 5.02
N ALA A 254 9.17 10.56 3.88
CA ALA A 254 9.35 11.74 3.04
C ALA A 254 8.18 11.78 2.06
N PRO A 255 7.87 12.95 1.52
CA PRO A 255 6.90 13.01 0.45
C PRO A 255 7.35 12.29 -0.81
N GLY A 256 6.36 12.01 -1.65
CA GLY A 256 6.54 11.36 -2.96
C GLY A 256 5.55 11.95 -3.93
N THR A 257 5.29 11.22 -5.00
CA THR A 257 4.55 11.75 -6.11
C THR A 257 3.63 10.69 -6.73
N TYR A 258 2.42 11.09 -7.09
CA TYR A 258 1.54 10.38 -8.02
C TYR A 258 1.46 11.18 -9.29
N ASN A 259 1.83 10.55 -10.40
CA ASN A 259 1.68 11.18 -11.73
C ASN A 259 0.66 10.44 -12.54
N PHE A 260 -0.10 11.18 -13.35
CA PHE A 260 -1.09 10.61 -14.26
C PHE A 260 -0.75 11.02 -15.69
N GLY A 261 -0.64 10.03 -16.58
CA GLY A 261 -0.55 10.30 -18.01
C GLY A 261 0.83 10.38 -18.52
N PHE A 262 1.87 10.19 -17.73
CA PHE A 262 3.24 10.23 -18.24
C PHE A 262 4.14 9.51 -17.27
N ILE A 263 5.31 9.14 -17.73
N ILE A 263 5.23 8.96 -17.80
N ILE A 263 5.30 9.10 -17.74
N ILE A 263 5.23 8.96 -17.80
CA ILE A 263 6.33 8.44 -16.92
CA ILE A 263 6.42 8.47 -17.03
CA ILE A 263 6.34 8.41 -16.93
CA ILE A 263 6.42 8.48 -17.03
C ILE A 263 7.53 9.38 -16.83
C ILE A 263 7.40 9.61 -16.85
C ILE A 263 7.53 9.38 -16.83
C ILE A 263 7.41 9.63 -16.85
N ASP A 264 7.82 9.85 -15.62
CA ASP A 264 8.91 10.78 -15.35
C ASP A 264 10.21 10.00 -15.39
N THR A 265 10.94 10.10 -16.51
CA THR A 265 12.18 9.31 -16.67
C THR A 265 13.27 9.83 -15.75
N THR A 266 13.13 10.92 -15.03
CA THR A 266 14.11 11.41 -14.04
C THR A 266 13.91 10.81 -12.66
N ALA A 267 12.76 10.16 -12.45
CA ALA A 267 12.32 9.75 -11.11
C ALA A 267 12.86 8.37 -10.74
N TYR A 268 13.57 7.64 -11.60
CA TYR A 268 14.03 6.29 -11.28
C TYR A 268 15.40 6.08 -11.89
N THR A 269 16.10 5.05 -11.44
CA THR A 269 17.41 4.66 -11.95
C THR A 269 17.26 3.40 -12.80
N GLY A 270 18.17 3.18 -13.72
CA GLY A 270 18.14 1.97 -14.55
C GLY A 270 16.91 1.94 -15.44
N SER A 271 16.43 0.74 -15.68
N SER A 271 16.48 0.71 -15.74
N SER A 271 16.32 0.73 -15.57
N SER A 271 16.32 0.74 -15.63
CA SER A 271 15.28 0.60 -16.57
CA SER A 271 15.31 0.44 -16.60
CA SER A 271 15.18 0.38 -16.47
CA SER A 271 15.15 0.51 -16.52
C SER A 271 14.09 0.10 -15.76
C SER A 271 14.07 0.29 -15.72
C SER A 271 13.88 0.04 -15.70
C SER A 271 13.89 0.05 -15.74
N ILE A 272 12.94 0.20 -16.39
N ILE A 272 12.91 0.31 -16.35
N ILE A 272 12.72 0.21 -16.33
N ILE A 272 12.70 0.22 -16.34
CA ILE A 272 11.70 -0.25 -15.75
CA ILE A 272 11.65 -0.20 -15.76
CA ILE A 272 11.40 -0.24 -15.78
CA ILE A 272 11.40 -0.24 -15.78
C ILE A 272 11.50 -1.66 -16.26
C ILE A 272 11.46 -1.62 -16.27
C ILE A 272 11.11 -1.64 -16.34
C ILE A 272 11.11 -1.65 -16.34
N THR A 273 11.22 -2.57 -15.35
N THR A 273 11.30 -2.57 -15.35
N THR A 273 10.91 -2.64 -15.47
N THR A 273 10.91 -2.64 -15.47
CA THR A 273 10.88 -3.93 -15.72
CA THR A 273 10.95 -3.97 -15.68
CA THR A 273 10.54 -4.02 -15.88
CA THR A 273 10.54 -4.02 -15.88
C THR A 273 9.38 -4.08 -15.61
C THR A 273 9.44 -4.13 -15.57
C THR A 273 9.01 -4.20 -15.74
C THR A 273 9.01 -4.20 -15.74
N TYR A 274 8.74 -4.46 -16.70
N TYR A 274 8.77 -4.44 -16.67
N TYR A 274 8.36 -4.47 -16.86
N TYR A 274 8.36 -4.48 -16.86
CA TYR A 274 7.28 -4.68 -16.75
CA TYR A 274 7.30 -4.63 -16.75
CA TYR A 274 6.90 -4.66 -16.89
CA TYR A 274 6.90 -4.66 -16.89
C TYR A 274 6.93 -6.14 -16.54
C TYR A 274 6.98 -6.12 -16.57
C TYR A 274 6.59 -6.13 -16.71
C TYR A 274 6.59 -6.14 -16.70
N THR A 275 5.74 -6.36 -16.04
N THR A 275 5.78 -6.39 -16.06
N THR A 275 5.54 -6.36 -15.96
N THR A 275 5.55 -6.37 -15.95
CA THR A 275 5.27 -7.72 -15.68
CA THR A 275 5.30 -7.74 -15.66
CA THR A 275 5.03 -7.71 -15.67
CA THR A 275 5.04 -7.72 -15.62
C THR A 275 3.74 -7.79 -15.85
C THR A 275 3.77 -7.78 -15.78
C THR A 275 3.53 -7.72 -15.91
C THR A 275 3.54 -7.74 -15.88
N ALA A 276 3.23 -8.98 -16.12
N ALA A 276 3.22 -8.95 -16.11
N ALA A 276 3.05 -8.85 -16.41
N ALA A 276 3.06 -8.85 -16.40
CA ALA A 276 1.82 -9.19 -16.45
CA ALA A 276 1.81 -9.13 -16.52
CA ALA A 276 1.63 -8.99 -16.74
CA ALA A 276 1.64 -9.01 -16.73
C ALA A 276 0.84 -8.89 -15.31
C ALA A 276 0.85 -8.91 -15.34
C ALA A 276 0.84 -8.92 -15.45
C ALA A 276 0.84 -8.92 -15.44
N VAL A 277 -0.34 -8.38 -15.62
CA VAL A 277 -1.38 -8.18 -14.60
C VAL A 277 -2.58 -9.04 -14.94
N SER A 278 -3.16 -9.66 -13.94
CA SER A 278 -4.49 -10.28 -14.04
C SER A 278 -5.48 -9.32 -13.43
N THR A 279 -6.55 -8.99 -14.13
CA THR A 279 -7.66 -8.16 -13.60
C THR A 279 -8.82 -9.04 -13.11
N LYS A 280 -8.66 -10.35 -13.02
CA LYS A 280 -9.79 -11.26 -12.73
C LYS A 280 -10.42 -10.97 -11.37
N GLN A 281 -9.69 -10.48 -10.38
CA GLN A 281 -10.23 -10.16 -9.04
C GLN A 281 -10.42 -8.63 -8.89
N GLY A 282 -10.18 -7.86 -9.94
CA GLY A 282 -10.32 -6.39 -9.91
C GLY A 282 -9.12 -5.64 -9.36
N PHE A 283 -8.05 -6.34 -9.07
CA PHE A 283 -6.83 -5.73 -8.47
C PHE A 283 -5.72 -5.68 -9.50
N TRP A 284 -4.67 -4.92 -9.20
CA TRP A 284 -3.39 -4.92 -9.92
C TRP A 284 -2.62 -6.15 -9.43
N GLU A 285 -3.04 -7.32 -9.92
CA GLU A 285 -2.52 -8.61 -9.45
C GLU A 285 -1.43 -9.09 -10.37
N TRP A 286 -0.30 -9.48 -9.85
CA TRP A 286 0.88 -9.84 -10.61
C TRP A 286 1.58 -10.99 -9.90
N THR A 287 2.66 -11.49 -10.48
CA THR A 287 3.41 -12.62 -9.90
C THR A 287 4.87 -12.25 -9.78
N SER A 288 5.34 -12.11 -8.56
CA SER A 288 6.77 -11.92 -8.29
C SER A 288 7.51 -13.23 -8.57
N THR A 289 8.76 -13.09 -8.98
CA THR A 289 9.59 -14.26 -9.36
C THR A 289 10.43 -14.77 -8.21
N GLY A 290 10.38 -14.16 -7.02
CA GLY A 290 11.02 -14.77 -5.85
C GLY A 290 11.52 -13.75 -4.88
N TYR A 291 12.43 -14.16 -4.00
CA TYR A 291 12.84 -13.27 -2.92
C TYR A 291 14.20 -13.65 -2.43
N ALA A 292 14.81 -12.71 -1.73
CA ALA A 292 16.04 -12.99 -0.94
C ALA A 292 15.91 -12.24 0.38
N VAL A 293 16.57 -12.77 1.40
CA VAL A 293 16.67 -12.13 2.72
C VAL A 293 18.06 -11.62 2.92
N GLY A 294 18.24 -10.35 3.15
CA GLY A 294 19.58 -9.80 3.36
C GLY A 294 20.46 -10.12 2.19
N SER A 295 21.68 -10.57 2.50
N SER A 295 21.67 -10.60 2.54
N SER A 295 21.68 -10.58 2.51
N SER A 295 21.68 -10.58 2.51
CA SER A 295 22.70 -10.91 1.47
CA SER A 295 22.77 -10.99 1.60
CA SER A 295 22.72 -10.92 1.51
CA SER A 295 22.73 -10.96 1.52
C SER A 295 22.54 -12.36 1.01
C SER A 295 22.64 -12.46 1.22
C SER A 295 22.53 -12.36 1.01
C SER A 295 22.62 -12.44 1.16
N GLY A 296 21.49 -13.08 1.45
CA GLY A 296 21.24 -14.46 1.11
C GLY A 296 20.98 -14.71 -0.36
N THR A 297 21.00 -15.97 -0.71
CA THR A 297 20.76 -16.36 -2.11
C THR A 297 19.31 -16.08 -2.49
N PHE A 298 19.09 -15.75 -3.72
CA PHE A 298 17.73 -15.50 -4.23
C PHE A 298 17.03 -16.83 -4.43
N LYS A 299 15.83 -16.95 -3.92
CA LYS A 299 14.95 -18.11 -4.07
C LYS A 299 13.98 -17.83 -5.19
N SER A 300 14.06 -18.58 -6.27
CA SER A 300 13.15 -18.45 -7.42
C SER A 300 11.86 -19.15 -7.06
N THR A 301 10.73 -18.47 -6.98
CA THR A 301 9.46 -19.04 -6.58
C THR A 301 8.40 -18.03 -7.02
N SER A 302 7.30 -18.45 -7.54
CA SER A 302 6.19 -17.57 -7.99
C SER A 302 5.38 -17.14 -6.80
N ILE A 303 5.21 -15.83 -6.60
CA ILE A 303 4.37 -15.30 -5.49
C ILE A 303 3.37 -14.37 -6.13
N ASP A 304 2.14 -14.84 -6.28
N ASP A 304 2.10 -14.78 -6.14
N ASP A 304 2.13 -14.84 -6.27
N ASP A 304 2.10 -14.77 -6.13
CA ASP A 304 1.01 -14.01 -6.75
CA ASP A 304 1.01 -13.99 -6.74
CA ASP A 304 0.99 -14.02 -6.74
CA ASP A 304 0.99 -14.00 -6.74
C ASP A 304 0.75 -12.96 -5.67
C ASP A 304 0.46 -13.02 -5.70
C ASP A 304 0.70 -12.98 -5.66
C ASP A 304 0.44 -13.03 -5.71
N GLY A 305 0.42 -11.73 -6.04
CA GLY A 305 -0.06 -10.76 -5.06
C GLY A 305 -0.56 -9.51 -5.71
N ILE A 306 -0.98 -8.56 -4.93
CA ILE A 306 -1.50 -7.31 -5.51
C ILE A 306 -0.61 -6.14 -5.14
N ALA A 307 -0.55 -5.16 -6.00
CA ALA A 307 0.15 -3.89 -5.70
C ALA A 307 -0.85 -2.96 -5.10
N ASP A 308 -0.74 -2.67 -3.79
CA ASP A 308 -1.81 -1.97 -3.02
C ASP A 308 -1.26 -0.79 -2.21
N THR A 309 -1.39 0.40 -2.76
CA THR A 309 -0.89 1.62 -2.09
C THR A 309 -1.65 1.91 -0.81
N GLY A 310 -2.83 1.38 -0.64
CA GLY A 310 -3.66 1.60 0.53
C GLY A 310 -3.38 0.66 1.67
N THR A 311 -2.46 -0.25 1.52
CA THR A 311 -2.04 -1.18 2.60
C THR A 311 -0.65 -0.77 3.06
N THR A 312 -0.45 -0.64 4.36
CA THR A 312 0.83 -0.16 4.90
C THR A 312 1.96 -1.18 4.67
N LEU A 313 1.72 -2.41 5.04
CA LEU A 313 2.77 -3.44 5.16
C LEU A 313 2.84 -4.39 3.97
N LEU A 314 3.84 -5.23 3.98
CA LEU A 314 4.10 -6.27 2.99
C LEU A 314 3.61 -7.58 3.57
N TYR A 315 2.58 -8.20 2.98
CA TYR A 315 1.99 -9.46 3.46
C TYR A 315 2.33 -10.56 2.49
N LEU A 316 3.07 -11.59 2.93
CA LEU A 316 3.62 -12.65 2.06
C LEU A 316 3.34 -13.98 2.69
N PRO A 317 3.56 -15.08 1.96
CA PRO A 317 3.27 -16.39 2.52
C PRO A 317 4.09 -16.66 3.78
N ALA A 318 3.56 -17.50 4.66
CA ALA A 318 4.17 -17.75 5.97
C ALA A 318 5.57 -18.32 5.82
N THR A 319 5.83 -19.11 4.80
CA THR A 319 7.19 -19.67 4.59
C THR A 319 8.18 -18.53 4.41
N VAL A 320 7.82 -17.58 3.55
CA VAL A 320 8.74 -16.46 3.18
C VAL A 320 8.95 -15.62 4.41
N VAL A 321 7.89 -15.30 5.13
CA VAL A 321 7.95 -14.39 6.29
C VAL A 321 8.77 -15.05 7.40
N SER A 322 8.58 -16.36 7.65
CA SER A 322 9.39 -17.06 8.66
C SER A 322 10.86 -17.01 8.26
N ALA A 323 11.18 -17.21 7.00
CA ALA A 323 12.59 -17.16 6.57
C ALA A 323 13.18 -15.78 6.81
N TYR A 324 12.41 -14.72 6.63
CA TYR A 324 12.91 -13.36 6.92
C TYR A 324 13.19 -13.19 8.39
N TRP A 325 12.19 -13.41 9.25
CA TRP A 325 12.31 -13.09 10.67
C TRP A 325 13.28 -14.04 11.40
N ALA A 326 13.54 -15.20 10.83
CA ALA A 326 14.56 -16.13 11.41
C ALA A 326 15.93 -15.47 11.38
N GLN A 327 16.15 -14.45 10.55
CA GLN A 327 17.46 -13.77 10.49
C GLN A 327 17.52 -12.65 11.50
N VAL A 328 16.55 -12.42 12.34
CA VAL A 328 16.57 -11.32 13.32
C VAL A 328 16.51 -11.96 14.71
N SER A 329 17.59 -11.86 15.48
N SER A 329 17.59 -11.78 15.50
N SER A 329 17.60 -11.85 15.48
N SER A 329 17.58 -11.78 15.50
CA SER A 329 17.65 -12.47 16.82
CA SER A 329 17.69 -12.28 16.89
CA SER A 329 17.67 -12.45 16.83
CA SER A 329 17.66 -12.35 16.86
C SER A 329 16.52 -11.88 17.66
C SER A 329 16.46 -11.83 17.67
C SER A 329 16.51 -11.87 17.67
C SER A 329 16.47 -11.84 17.68
N GLY A 330 15.77 -12.76 18.32
CA GLY A 330 14.70 -12.40 19.23
C GLY A 330 13.38 -12.09 18.53
N ALA A 331 13.29 -12.18 17.20
CA ALA A 331 12.00 -11.94 16.53
C ALA A 331 11.10 -13.12 16.74
N LYS A 332 9.79 -12.90 16.78
N LYS A 332 9.79 -12.90 16.78
N LYS A 332 9.79 -12.83 16.91
N LYS A 332 9.79 -12.83 16.91
CA LYS A 332 8.84 -14.02 16.93
CA LYS A 332 8.84 -14.02 16.93
CA LYS A 332 8.74 -13.81 17.26
CA LYS A 332 8.74 -13.81 17.26
C LYS A 332 7.49 -13.53 16.46
C LYS A 332 7.49 -13.53 16.46
C LYS A 332 7.39 -13.35 16.72
C LYS A 332 7.39 -13.36 16.71
N SER A 333 6.58 -14.45 16.21
N SER A 333 6.58 -14.45 16.22
N SER A 333 6.60 -14.34 16.32
N SER A 333 6.63 -14.35 16.26
CA SER A 333 5.17 -14.05 16.02
CA SER A 333 5.17 -14.05 16.03
CA SER A 333 5.20 -14.17 15.89
CA SER A 333 5.20 -14.19 15.86
C SER A 333 4.48 -14.02 17.39
C SER A 333 4.47 -14.01 17.39
C SER A 333 4.31 -14.22 17.14
C SER A 333 4.35 -14.26 17.12
N SER A 334 3.81 -12.92 17.67
N SER A 334 3.81 -12.90 17.66
N SER A 334 3.62 -13.13 17.43
N SER A 334 3.71 -13.15 17.48
CA SER A 334 3.03 -12.71 18.90
CA SER A 334 3.05 -12.66 18.90
CA SER A 334 2.72 -13.00 18.60
CA SER A 334 2.82 -13.02 18.64
C SER A 334 1.54 -12.75 18.53
C SER A 334 1.55 -12.71 18.56
C SER A 334 1.27 -12.82 18.12
C SER A 334 1.36 -13.00 18.17
N SER A 335 0.82 -13.80 18.97
N SER A 335 0.84 -13.71 19.08
N SER A 335 0.42 -13.81 18.35
N SER A 335 0.57 -14.01 18.53
CA SER A 335 -0.66 -13.86 18.91
CA SER A 335 -0.65 -13.81 19.00
CA SER A 335 -1.04 -13.78 18.08
CA SER A 335 -0.88 -14.06 18.23
C SER A 335 -1.27 -12.67 19.70
C SER A 335 -1.29 -12.59 19.67
C SER A 335 -1.66 -12.66 18.91
C SER A 335 -1.55 -12.86 18.91
N SER A 336 -0.64 -12.27 20.81
N SER A 336 -0.73 -12.11 20.79
N SER A 336 -1.19 -12.49 20.15
N SER A 336 -1.08 -12.53 20.13
CA SER A 336 -1.11 -11.12 21.64
CA SER A 336 -1.27 -10.96 21.57
CA SER A 336 -1.61 -11.42 21.09
CA SER A 336 -1.62 -11.46 21.00
C SER A 336 -1.07 -9.81 20.82
C SER A 336 -1.16 -9.65 20.77
C SER A 336 -1.38 -10.04 20.46
C SER A 336 -1.36 -10.07 20.41
N VAL A 337 -0.06 -9.60 19.98
N VAL A 337 -0.13 -9.49 19.95
N VAL A 337 -0.14 -9.74 20.01
N VAL A 337 -0.13 -9.77 19.99
CA VAL A 337 0.07 -8.32 19.21
CA VAL A 337 0.06 -8.24 19.17
CA VAL A 337 0.21 -8.40 19.46
CA VAL A 337 0.22 -8.42 19.46
C VAL A 337 -0.55 -8.49 17.82
C VAL A 337 -0.55 -8.43 17.77
C VAL A 337 -0.42 -8.22 18.06
C VAL A 337 -0.41 -8.23 18.06
N GLY A 338 -0.56 -9.71 17.28
N GLY A 338 -0.57 -9.67 17.27
N GLY A 338 -0.53 -9.30 17.29
N GLY A 338 -0.53 -9.31 17.29
CA GLY A 338 -1.17 -10.03 15.97
CA GLY A 338 -1.17 -10.02 15.97
CA GLY A 338 -1.06 -9.22 15.92
CA GLY A 338 -1.06 -9.23 15.92
C GLY A 338 -0.17 -9.97 14.83
C GLY A 338 -0.17 -9.97 14.83
C GLY A 338 0.01 -9.39 14.84
C GLY A 338 0.01 -9.39 14.84
N GLY A 339 1.07 -10.31 15.08
N GLY A 339 1.07 -10.31 15.08
N GLY A 339 1.12 -10.07 15.17
N GLY A 339 1.12 -10.07 15.17
CA GLY A 339 2.06 -10.32 14.00
CA GLY A 339 2.06 -10.32 14.00
CA GLY A 339 2.03 -10.71 14.19
CA GLY A 339 2.03 -10.71 14.19
C GLY A 339 3.43 -10.45 14.58
C GLY A 339 3.43 -10.45 14.58
C GLY A 339 3.48 -10.77 14.66
C GLY A 339 3.48 -10.77 14.66
N TYR A 340 4.40 -10.52 13.71
N TYR A 340 4.40 -10.52 13.71
N TYR A 340 4.42 -10.60 13.75
N TYR A 340 4.42 -10.60 13.75
CA TYR A 340 5.83 -10.56 14.05
CA TYR A 340 5.83 -10.56 14.05
CA TYR A 340 5.85 -10.62 14.06
CA TYR A 340 5.86 -10.61 14.06
C TYR A 340 6.23 -9.25 14.70
C TYR A 340 6.23 -9.25 14.70
C TYR A 340 6.27 -9.30 14.71
C TYR A 340 6.27 -9.30 14.71
N VAL A 341 6.99 -9.49 15.77
N VAL A 341 6.99 -9.49 15.77
N VAL A 341 6.94 -9.44 15.84
N VAL A 341 6.94 -9.44 15.84
CA VAL A 341 7.63 -8.46 16.61
CA VAL A 341 7.63 -8.46 16.61
CA VAL A 341 7.60 -8.30 16.54
CA VAL A 341 7.60 -8.30 16.54
C VAL A 341 9.10 -8.79 16.67
C VAL A 341 9.10 -8.79 16.67
C VAL A 341 9.07 -8.67 16.73
C VAL A 341 9.07 -8.67 16.73
N PHE A 342 9.87 -7.82 17.08
N PHE A 342 9.87 -7.82 17.08
N PHE A 342 9.88 -7.65 16.89
N PHE A 342 9.88 -7.65 16.89
CA PHE A 342 11.33 -8.04 17.17
CA PHE A 342 11.33 -8.04 17.17
CA PHE A 342 11.37 -7.76 16.93
CA PHE A 342 11.37 -7.76 16.93
C PHE A 342 11.85 -7.04 18.19
C PHE A 342 11.85 -7.04 18.19
C PHE A 342 11.91 -6.76 17.95
C PHE A 342 11.91 -6.76 17.95
N PRO A 343 13.01 -7.35 18.78
N PRO A 343 13.01 -7.35 18.78
N PRO A 343 13.13 -7.01 18.49
N PRO A 343 13.13 -7.01 18.49
CA PRO A 343 13.61 -6.41 19.71
CA PRO A 343 13.61 -6.41 19.71
CA PRO A 343 13.70 -6.08 19.45
CA PRO A 343 13.70 -6.07 19.45
C PRO A 343 13.98 -5.11 19.01
C PRO A 343 13.97 -5.10 19.01
C PRO A 343 13.98 -4.74 18.79
C PRO A 343 13.98 -4.74 18.79
N CYS A 344 13.63 -3.97 19.61
N CYS A 344 13.63 -3.97 19.61
N CYS A 344 13.63 -3.67 19.49
N CYS A 344 13.63 -3.67 19.49
CA CYS A 344 13.89 -2.64 18.98
CA CYS A 344 13.89 -2.64 18.98
CA CYS A 344 13.96 -2.32 18.98
CA CYS A 344 13.96 -2.32 18.98
C CYS A 344 15.40 -2.38 18.78
C CYS A 344 15.40 -2.38 18.78
C CYS A 344 15.49 -2.16 18.92
C CYS A 344 15.49 -2.16 18.92
N SER A 345 16.25 -3.04 19.56
CA SER A 345 17.73 -2.96 19.44
C SER A 345 18.26 -3.61 18.17
N ALA A 346 17.45 -4.33 17.41
CA ALA A 346 17.90 -5.09 16.22
C ALA A 346 18.22 -4.16 15.09
N THR A 347 19.15 -4.63 14.23
CA THR A 347 19.35 -4.09 12.88
C THR A 347 18.71 -5.08 11.92
N LEU A 348 17.76 -4.60 11.12
CA LEU A 348 16.99 -5.51 10.25
C LEU A 348 17.71 -5.71 8.93
N PRO A 349 17.65 -6.93 8.38
CA PRO A 349 18.14 -7.20 7.03
C PRO A 349 17.20 -6.63 5.98
N SER A 350 17.75 -6.41 4.81
CA SER A 350 16.96 -6.04 3.66
C SER A 350 16.11 -7.22 3.21
N PHE A 351 15.16 -6.93 2.34
CA PHE A 351 14.34 -7.95 1.70
C PHE A 351 14.29 -7.63 0.23
N THR A 352 14.61 -8.58 -0.62
CA THR A 352 14.58 -8.39 -2.08
C THR A 352 13.40 -9.15 -2.67
N PHE A 353 12.65 -8.57 -3.56
CA PHE A 353 11.63 -9.29 -4.34
C PHE A 353 11.93 -9.22 -5.84
N GLY A 354 11.57 -10.27 -6.55
CA GLY A 354 11.78 -10.32 -7.99
C GLY A 354 10.65 -9.79 -8.80
N VAL A 355 11.00 -9.06 -9.86
N VAL A 355 11.01 -9.02 -9.82
N VAL A 355 10.99 -9.13 -9.91
N VAL A 355 10.99 -9.12 -9.90
CA VAL A 355 10.10 -8.60 -10.93
CA VAL A 355 10.13 -8.59 -10.95
CA VAL A 355 10.02 -8.61 -10.91
CA VAL A 355 10.04 -8.60 -10.90
C VAL A 355 10.77 -9.11 -12.21
C VAL A 355 10.82 -9.08 -12.22
C VAL A 355 10.52 -9.09 -12.26
C VAL A 355 10.54 -9.09 -12.26
N GLY A 356 10.30 -10.23 -12.73
N GLY A 356 10.33 -10.18 -12.79
N GLY A 356 9.92 -10.13 -12.82
N GLY A 356 9.94 -10.13 -12.82
CA GLY A 356 11.06 -10.85 -13.84
CA GLY A 356 11.06 -10.90 -13.84
CA GLY A 356 10.55 -10.82 -13.95
CA GLY A 356 10.57 -10.83 -13.95
C GLY A 356 12.49 -11.09 -13.39
C GLY A 356 12.49 -11.15 -13.38
C GLY A 356 11.99 -11.16 -13.58
C GLY A 356 12.03 -11.14 -13.60
N SER A 357 13.47 -10.78 -14.23
N SER A 357 13.48 -10.75 -14.18
N SER A 357 12.98 -10.79 -14.41
N SER A 357 12.98 -10.72 -14.43
CA SER A 357 14.90 -10.89 -13.90
CA SER A 357 14.91 -10.92 -13.87
CA SER A 357 14.41 -11.11 -14.18
CA SER A 357 14.43 -11.02 -14.23
C SER A 357 15.38 -9.72 -13.02
C SER A 357 15.41 -9.70 -13.09
C SER A 357 15.11 -10.07 -13.29
C SER A 357 15.11 -10.00 -13.32
N ALA A 358 14.55 -8.69 -12.85
N ALA A 358 14.55 -8.71 -12.88
N ALA A 358 14.42 -9.00 -12.86
N ALA A 358 14.42 -8.95 -12.86
CA ALA A 358 14.88 -7.53 -12.03
CA ALA A 358 14.83 -7.52 -12.08
CA ALA A 358 15.03 -7.87 -12.10
CA ALA A 358 15.03 -7.84 -12.10
C ALA A 358 14.67 -7.88 -10.54
C ALA A 358 14.65 -7.86 -10.61
C ALA A 358 14.72 -7.96 -10.59
C ALA A 358 14.71 -7.94 -10.59
N ARG A 359 15.30 -7.07 -9.76
CA ARG A 359 15.23 -7.22 -8.29
C ARG A 359 15.00 -5.88 -7.67
N ILE A 360 14.05 -5.79 -6.75
CA ILE A 360 13.80 -4.57 -5.95
C ILE A 360 14.24 -4.88 -4.54
N VAL A 361 15.09 -4.04 -4.00
CA VAL A 361 15.61 -4.23 -2.63
C VAL A 361 14.93 -3.27 -1.68
N ILE A 362 14.27 -3.84 -0.67
CA ILE A 362 13.68 -3.06 0.43
C ILE A 362 14.72 -2.96 1.54
N PRO A 363 15.24 -1.77 1.85
CA PRO A 363 16.20 -1.66 2.95
C PRO A 363 15.58 -2.13 4.24
N GLY A 364 16.42 -2.64 5.15
CA GLY A 364 15.95 -3.08 6.46
C GLY A 364 15.19 -2.01 7.24
N ASP A 365 15.62 -0.75 7.14
N ASP A 365 15.57 -0.74 7.18
N ASP A 365 15.62 -0.76 7.14
N ASP A 365 15.57 -0.74 7.18
CA ASP A 365 14.97 0.32 7.91
CA ASP A 365 14.88 0.25 8.04
CA ASP A 365 14.98 0.32 7.90
CA ASP A 365 14.88 0.26 8.04
C ASP A 365 13.49 0.45 7.51
C ASP A 365 13.49 0.58 7.49
C ASP A 365 13.50 0.45 7.51
C ASP A 365 13.49 0.58 7.49
N TYR A 366 13.16 0.14 6.27
CA TYR A 366 11.77 0.28 5.79
C TYR A 366 10.87 -0.72 6.52
N ILE A 367 11.42 -1.78 7.07
CA ILE A 367 10.66 -2.90 7.68
C ILE A 367 10.44 -2.61 9.17
N ASP A 368 10.99 -1.52 9.72
N ASP A 368 11.00 -1.53 9.73
CA ASP A 368 10.78 -1.13 11.13
CA ASP A 368 10.84 -1.24 11.18
C ASP A 368 9.52 -0.26 11.27
C ASP A 368 9.63 -0.30 11.36
N PHE A 369 8.54 -0.77 12.00
CA PHE A 369 7.35 0.04 12.29
C PHE A 369 7.27 0.48 13.76
N GLY A 370 8.39 0.37 14.46
N GLY A 370 8.39 0.37 14.46
N GLY A 370 8.40 0.41 14.46
N GLY A 370 8.40 0.41 14.46
CA GLY A 370 8.57 1.00 15.77
CA GLY A 370 8.57 1.00 15.77
CA GLY A 370 8.56 1.11 15.74
CA GLY A 370 8.56 1.11 15.74
C GLY A 370 7.87 0.22 16.88
C GLY A 370 7.87 0.22 16.88
C GLY A 370 7.91 0.36 16.90
C GLY A 370 7.91 0.36 16.90
N PRO A 371 7.84 0.85 18.07
N PRO A 371 7.84 0.85 18.07
N PRO A 371 8.13 0.88 18.12
N PRO A 371 8.13 0.88 18.12
CA PRO A 371 7.27 0.17 19.24
CA PRO A 371 7.27 0.17 19.24
CA PRO A 371 7.56 0.29 19.33
CA PRO A 371 7.56 0.29 19.33
C PRO A 371 5.82 -0.28 19.07
C PRO A 371 5.82 -0.28 19.07
C PRO A 371 6.05 0.03 19.17
C PRO A 371 6.05 0.03 19.17
N ILE A 372 5.51 -1.42 19.65
N ILE A 372 5.51 -1.42 19.65
N ILE A 372 5.58 -1.15 19.61
N ILE A 372 5.58 -1.15 19.61
CA ILE A 372 4.15 -1.99 19.60
CA ILE A 372 4.15 -1.99 19.60
CA ILE A 372 4.15 -1.58 19.52
CA ILE A 372 4.15 -1.58 19.52
C ILE A 372 3.19 -1.11 20.42
C ILE A 372 3.19 -1.11 20.42
C ILE A 372 3.30 -0.63 20.34
C ILE A 372 3.30 -0.63 20.34
N SER A 373 3.68 -0.35 21.40
N SER A 373 3.68 -0.35 21.40
N SER A 373 3.84 -0.18 21.45
N SER A 373 3.84 -0.18 21.45
CA SER A 373 2.99 0.69 22.22
CA SER A 373 2.99 0.69 22.22
CA SER A 373 3.17 0.79 22.33
CA SER A 373 3.17 0.79 22.33
C SER A 373 4.05 1.69 22.71
C SER A 373 4.05 1.69 22.71
C SER A 373 4.20 1.79 22.74
C SER A 373 4.20 1.79 22.74
N THR A 374 3.73 2.97 23.05
CA THR A 374 4.65 3.99 23.39
C THR A 374 5.60 3.48 24.48
N GLY A 375 6.89 3.58 24.30
CA GLY A 375 7.91 3.25 25.25
C GLY A 375 8.35 1.80 25.28
N SER A 376 7.69 0.96 24.48
N SER A 376 7.69 0.96 24.49
N SER A 376 7.71 0.95 24.49
N SER A 376 7.71 0.95 24.49
CA SER A 376 7.99 -0.49 24.45
CA SER A 376 8.01 -0.48 24.45
CA SER A 376 8.02 -0.50 24.47
CA SER A 376 8.02 -0.50 24.47
C SER A 376 9.32 -0.73 23.73
C SER A 376 9.33 -0.71 23.72
C SER A 376 9.34 -0.75 23.73
C SER A 376 9.34 -0.75 23.73
N SER A 377 10.03 -1.74 24.18
N SER A 377 10.06 -1.71 24.16
N SER A 377 10.09 -1.73 24.16
N SER A 377 10.09 -1.73 24.16
CA SER A 377 11.25 -2.23 23.52
CA SER A 377 11.25 -2.23 23.45
CA SER A 377 11.28 -2.18 23.40
CA SER A 377 11.28 -2.18 23.40
C SER A 377 10.97 -3.40 22.58
C SER A 377 10.88 -3.41 22.54
C SER A 377 10.92 -3.22 22.35
C SER A 377 10.92 -3.22 22.35
N SER A 378 9.70 -3.73 22.34
N SER A 378 9.59 -3.61 22.28
N SER A 378 9.65 -3.64 22.25
N SER A 378 9.65 -3.64 22.25
CA SER A 378 9.33 -4.65 21.24
CA SER A 378 9.11 -4.61 21.30
CA SER A 378 9.13 -4.53 21.19
CA SER A 378 9.13 -4.53 21.19
C SER A 378 8.79 -3.80 20.12
C SER A 378 8.61 -3.86 20.06
C SER A 378 8.67 -3.65 20.03
C SER A 378 8.67 -3.65 20.03
N CYS A 379 9.25 -4.09 18.91
N CYS A 379 9.26 -4.06 18.93
N CYS A 379 9.22 -3.91 18.85
N CYS A 379 9.22 -3.91 18.85
CA CYS A 379 8.92 -3.31 17.71
CA CYS A 379 8.95 -3.31 17.71
CA CYS A 379 8.87 -3.15 17.62
CA CYS A 379 8.87 -3.15 17.62
C CYS A 379 8.13 -4.21 16.75
C CYS A 379 8.14 -4.22 16.76
C CYS A 379 8.06 -4.02 16.65
C CYS A 379 8.06 -4.02 16.64
N PHE A 380 7.31 -3.54 15.96
N PHE A 380 7.32 -3.55 15.97
N PHE A 380 7.10 -3.42 15.94
N PHE A 380 7.10 -3.42 15.94
CA PHE A 380 6.41 -4.23 15.03
CA PHE A 380 6.42 -4.24 15.03
CA PHE A 380 6.26 -4.20 14.99
CA PHE A 380 6.26 -4.20 14.99
C PHE A 380 7.06 -4.37 13.65
C PHE A 380 7.06 -4.37 13.65
C PHE A 380 6.95 -4.34 13.62
C PHE A 380 6.95 -4.34 13.62
N GLY A 381 6.96 -5.56 13.10
CA GLY A 381 7.56 -5.81 11.77
C GLY A 381 6.76 -5.33 10.58
N GLY A 382 7.46 -4.92 9.55
CA GLY A 382 6.81 -4.47 8.32
C GLY A 382 6.54 -5.54 7.31
N ILE A 383 7.00 -6.75 7.53
CA ILE A 383 6.72 -7.91 6.71
C ILE A 383 5.96 -8.87 7.61
N GLN A 384 4.75 -9.24 7.17
CA GLN A 384 3.82 -10.04 7.97
C GLN A 384 3.27 -11.16 7.11
N SER A 385 2.73 -12.19 7.73
CA SER A 385 2.09 -13.30 6.99
C SER A 385 0.78 -12.88 6.39
N SER A 386 0.56 -13.34 5.17
CA SER A 386 -0.75 -13.21 4.50
C SER A 386 -1.68 -14.39 4.80
N ALA A 387 -1.28 -15.31 5.69
N ALA A 387 -1.25 -15.37 5.58
N ALA A 387 -1.28 -15.31 5.68
N ALA A 387 -1.24 -15.39 5.56
CA ALA A 387 -2.13 -16.46 6.08
CA ALA A 387 -1.97 -16.66 5.64
CA ALA A 387 -2.11 -16.47 6.07
CA ALA A 387 -1.98 -16.66 5.63
C ALA A 387 -3.43 -15.94 6.68
C ALA A 387 -3.41 -16.48 6.12
C ALA A 387 -3.42 -15.96 6.67
C ALA A 387 -3.44 -16.41 6.04
N GLY A 388 -4.56 -16.33 6.10
N GLY A 388 -3.73 -15.41 6.85
N GLY A 388 -4.54 -16.33 6.08
N GLY A 388 -3.73 -15.44 6.91
CA GLY A 388 -5.91 -15.98 6.58
CA GLY A 388 -5.07 -15.12 7.40
CA GLY A 388 -5.89 -15.99 6.55
CA GLY A 388 -5.09 -15.12 7.42
C GLY A 388 -6.46 -14.81 5.82
C GLY A 388 -5.82 -14.07 6.58
C GLY A 388 -6.42 -14.76 5.85
C GLY A 388 -5.94 -14.33 6.44
N ILE A 389 -5.60 -14.00 5.18
N ILE A 389 -5.38 -13.79 5.34
N ILE A 389 -5.57 -14.01 5.16
N ILE A 389 -5.35 -13.80 5.35
CA ILE A 389 -6.06 -12.81 4.41
CA ILE A 389 -5.94 -12.79 4.38
CA ILE A 389 -6.03 -12.80 4.40
CA ILE A 389 -5.94 -12.81 4.38
C ILE A 389 -6.46 -13.28 3.01
C ILE A 389 -6.59 -13.43 3.16
C ILE A 389 -6.46 -13.28 3.01
C ILE A 389 -6.60 -13.45 3.17
N GLY A 390 -5.93 -14.42 2.54
CA GLY A 390 -6.37 -15.04 1.28
C GLY A 390 -5.71 -14.46 0.05
N ILE A 391 -4.81 -13.46 0.23
CA ILE A 391 -4.03 -12.86 -0.88
C ILE A 391 -2.73 -12.27 -0.31
N ASN A 392 -1.71 -12.32 -1.12
CA ASN A 392 -0.44 -11.63 -0.80
C ASN A 392 -0.59 -10.17 -1.20
N ILE A 393 -0.02 -9.28 -0.43
CA ILE A 393 -0.21 -7.81 -0.66
C ILE A 393 1.13 -7.11 -0.64
N PHE A 394 1.51 -6.55 -1.78
CA PHE A 394 2.71 -5.70 -1.88
C PHE A 394 2.23 -4.31 -1.54
N GLY A 395 2.18 -4.01 -0.26
CA GLY A 395 1.77 -2.71 0.26
C GLY A 395 2.91 -1.71 0.25
N ASP A 396 2.73 -0.64 0.98
CA ASP A 396 3.65 0.52 0.91
C ASP A 396 5.09 0.13 1.24
N VAL A 397 5.33 -0.76 2.19
CA VAL A 397 6.70 -1.18 2.53
C VAL A 397 7.42 -1.61 1.27
N ALA A 398 6.81 -2.36 0.42
CA ALA A 398 7.41 -2.81 -0.85
C ALA A 398 7.40 -1.69 -1.88
N LEU A 399 6.25 -1.07 -2.08
CA LEU A 399 6.11 -0.11 -3.19
C LEU A 399 6.99 1.09 -3.04
N LYS A 400 7.23 1.51 -1.79
N LYS A 400 7.26 1.54 -1.80
N LYS A 400 7.23 1.51 -1.79
N LYS A 400 7.26 1.54 -1.80
CA LYS A 400 8.03 2.73 -1.54
CA LYS A 400 8.06 2.78 -1.63
CA LYS A 400 8.03 2.74 -1.54
CA LYS A 400 8.06 2.78 -1.63
C LYS A 400 9.50 2.51 -1.93
C LYS A 400 9.56 2.52 -1.86
C LYS A 400 9.50 2.51 -1.92
C LYS A 400 9.56 2.52 -1.85
N ALA A 401 9.95 1.26 -2.03
CA ALA A 401 11.30 0.94 -2.50
C ALA A 401 11.42 1.08 -4.02
N ALA A 402 10.37 1.36 -4.74
CA ALA A 402 10.38 1.33 -6.21
C ALA A 402 9.67 2.54 -6.77
N PHE A 403 9.92 2.81 -8.05
CA PHE A 403 9.08 3.62 -8.92
C PHE A 403 8.15 2.66 -9.61
N VAL A 404 6.85 2.79 -9.44
CA VAL A 404 5.86 1.79 -9.89
C VAL A 404 4.97 2.42 -10.95
N VAL A 405 4.87 1.75 -12.09
CA VAL A 405 4.02 2.15 -13.20
C VAL A 405 2.79 1.27 -13.24
N PHE A 406 1.62 1.86 -13.16
CA PHE A 406 0.32 1.20 -13.30
C PHE A 406 -0.13 1.51 -14.72
N ASN A 407 0.07 0.53 -15.60
CA ASN A 407 -0.22 0.71 -17.04
C ASN A 407 -1.62 0.20 -17.33
N GLY A 408 -2.56 1.11 -17.57
CA GLY A 408 -3.96 0.81 -17.85
C GLY A 408 -4.27 0.74 -19.34
N ALA A 409 -3.32 0.40 -20.17
CA ALA A 409 -3.55 0.08 -21.60
C ALA A 409 -4.46 -1.15 -21.67
N THR A 410 -4.89 -1.44 -22.92
CA THR A 410 -5.90 -2.50 -23.19
C THR A 410 -5.46 -3.80 -22.50
N THR A 411 -4.18 -4.14 -22.63
CA THR A 411 -3.52 -5.22 -21.84
C THR A 411 -2.81 -4.53 -20.66
N PRO A 412 -3.40 -4.50 -19.43
CA PRO A 412 -2.70 -3.82 -18.33
C PRO A 412 -1.44 -4.53 -17.92
N THR A 413 -0.46 -3.74 -17.49
N THR A 413 -0.42 -3.74 -17.61
N THR A 413 -0.48 -3.77 -17.38
N THR A 413 -0.48 -3.76 -17.41
CA THR A 413 0.77 -4.28 -16.94
CA THR A 413 0.83 -4.26 -17.05
CA THR A 413 0.80 -4.29 -16.83
CA THR A 413 0.81 -4.27 -16.87
C THR A 413 1.14 -3.45 -15.71
C THR A 413 1.17 -3.40 -15.84
C THR A 413 1.34 -3.42 -15.69
C THR A 413 1.36 -3.40 -15.74
N LEU A 414 2.05 -3.98 -14.91
N LEU A 414 2.25 -3.80 -15.19
N LEU A 414 2.31 -3.95 -14.92
N LEU A 414 2.42 -3.88 -15.09
CA LEU A 414 2.75 -3.17 -13.90
CA LEU A 414 2.67 -3.20 -13.93
CA LEU A 414 3.02 -3.21 -13.84
CA LEU A 414 3.02 -3.23 -13.89
C LEU A 414 4.20 -3.05 -14.30
C LEU A 414 4.19 -3.20 -13.96
C LEU A 414 4.50 -3.07 -14.18
C LEU A 414 4.52 -3.12 -14.08
N GLY A 415 4.80 -1.91 -14.00
N GLY A 415 4.77 -2.00 -13.96
N GLY A 415 5.07 -1.89 -13.97
N GLY A 415 5.06 -1.91 -13.96
CA GLY A 415 6.24 -1.77 -14.14
CA GLY A 415 6.22 -1.81 -14.11
CA GLY A 415 6.51 -1.69 -14.12
CA GLY A 415 6.51 -1.69 -14.12
C GLY A 415 6.87 -1.41 -12.81
C GLY A 415 6.85 -1.44 -12.79
C GLY A 415 7.16 -1.31 -12.81
C GLY A 415 7.16 -1.30 -12.81
N PHE A 416 8.06 -1.88 -12.59
N PHE A 416 8.06 -1.93 -12.56
N PHE A 416 8.31 -1.88 -12.51
N PHE A 416 8.30 -1.88 -12.51
CA PHE A 416 8.84 -1.52 -11.40
CA PHE A 416 8.89 -1.59 -11.39
CA PHE A 416 9.08 -1.56 -11.30
CA PHE A 416 9.08 -1.57 -11.29
C PHE A 416 10.24 -1.09 -11.80
C PHE A 416 10.27 -1.13 -11.83
C PHE A 416 10.48 -1.11 -11.70
C PHE A 416 10.48 -1.12 -11.69
N ALA A 417 10.77 -0.08 -11.15
N ALA A 417 10.79 -0.09 -11.18
N ALA A 417 10.85 0.10 -11.28
N ALA A 417 10.85 0.09 -11.28
CA ALA A 417 12.19 0.30 -11.30
CA ALA A 417 12.18 0.35 -11.33
CA ALA A 417 12.24 0.56 -11.39
CA ALA A 417 12.24 0.56 -11.40
C ALA A 417 12.75 0.63 -9.93
C ALA A 417 12.74 0.65 -9.95
C ALA A 417 12.77 0.78 -9.98
C ALA A 417 12.77 0.79 -9.99
N SER A 418 14.05 0.51 -9.78
CA SER A 418 14.77 1.03 -8.61
C SER A 418 14.81 2.54 -8.66
N LYS A 419 15.13 3.18 -7.54
CA LYS A 419 15.18 4.66 -7.52
C LYS A 419 16.15 5.16 -6.44
C4 R8Y B . 10.49 -5.88 -19.63
C4 R8Y B . 10.49 -5.88 -19.63
C5 R8Y B . 7.43 -9.47 -20.81
C5 R8Y B . 7.43 -9.47 -20.81
C6 R8Y B . 6.21 -8.68 -20.55
C6 R8Y B . 6.21 -8.68 -20.55
C7 R8Y B . 5.03 -9.39 -20.38
C7 R8Y B . 5.02 -9.39 -20.38
C8 R8Y B . 4.01 -8.55 -19.93
C8 R8Y B . 4.01 -8.55 -19.93
C9 R8Y B . 4.46 -7.32 -19.80
C9 R8Y B . 4.45 -7.31 -19.81
O2 R8Y B . 7.27 -10.69 -20.95
O2 R8Y B . 7.27 -10.68 -20.96
N R8Y B . 8.66 -8.91 -20.86
N R8Y B . 8.66 -8.91 -20.86
C2 R8Y B . 9.01 -7.50 -20.71
C2 R8Y B . 9.01 -7.50 -20.71
C3 R8Y B . 9.89 -7.26 -19.48
C3 R8Y B . 9.89 -7.26 -19.48
O1 R8Y B . 9.72 -4.88 -19.44
O1 R8Y B . 9.72 -4.88 -19.44
O R8Y B . 11.70 -5.80 -20.02
O R8Y B . 11.70 -5.80 -20.02
C1 R8Y B . 9.78 -9.83 -21.08
C1 R8Y B . 9.79 -9.82 -21.09
C R8Y B . 9.94 -10.21 -22.53
C R8Y B . 9.94 -10.21 -22.53
S R8Y B . 6.01 -7.11 -20.23
S R8Y B . 6.01 -7.11 -20.23
S DMS C . -3.76 -0.68 6.68
O DMS C . -2.81 -1.53 5.88
C1 DMS C . -5.34 -1.14 5.98
C2 DMS C . -3.71 0.96 6.04
C1 GOL D . 15.64 1.86 -4.15
O1 GOL D . 15.10 1.14 -5.26
C2 GOL D . 15.60 1.06 -2.87
O2 GOL D . 16.43 -0.09 -2.96
C3 GOL D . 15.99 1.93 -1.70
O3 GOL D . 17.36 2.32 -1.84
C1 GOL E . -0.54 -17.53 1.25
C1 GOL E . -0.25 -17.24 1.55
O1 GOL E . -0.03 -18.84 1.47
O1 GOL E . -0.80 -17.01 2.85
C2 GOL E . -1.90 -17.52 0.60
C2 GOL E . -1.25 -16.95 0.46
O2 GOL E . -2.84 -18.23 1.41
O2 GOL E . -1.77 -18.17 -0.08
C3 GOL E . -2.40 -16.12 0.33
C3 GOL E . -2.36 -16.02 0.91
O3 GOL E . -2.80 -15.49 1.54
O3 GOL E . -3.22 -16.60 1.89
O1 PG4 F . -0.93 -3.19 11.08
C1 PG4 F . -1.17 -2.14 10.15
C2 PG4 F . 0.04 -1.28 9.93
O2 PG4 F . 0.45 -0.72 11.17
C3 PG4 F . 1.78 -0.23 11.15
C4 PG4 F . 2.01 0.60 12.37
O3 PG4 F . 2.20 -0.25 13.48
C5 PG4 F . 2.58 0.44 14.67
C6 PG4 F . 2.74 -0.55 15.77
O4 PG4 F . 1.50 -1.23 15.95
C7 PG4 F . 1.58 -2.39 16.78
C8 PG4 F . 0.24 -3.03 16.86
O5 PG4 F . -0.15 -3.55 15.60
NA NA G . -0.82 -1.49 13.93
#